data_3O0F
#
_entry.id   3O0F
#
_cell.length_a   103.341
_cell.length_b   103.341
_cell.length_c   54.744
_cell.angle_alpha   90.000
_cell.angle_beta   90.000
_cell.angle_gamma   120.000
#
_symmetry.space_group_name_H-M   'P 65'
#
loop_
_entity.id
_entity.type
_entity.pdbx_description
1 polymer 'putative metal-dependent phosphoesterase'
2 non-polymer 'ADENOSINE MONOPHOSPHATE'
3 non-polymer 'ZINC ION'
4 non-polymer 'FE (III) ION'
5 non-polymer 'PHOSPHATE ION'
6 non-polymer 1,2-ETHANEDIOL
7 water water
#
_entity_poly.entity_id   1
_entity_poly.type   'polypeptide(L)'
_entity_poly.pdbx_seq_one_letter_code
;G(MSE)SHVSYAEPPAQGWDIHCHTVFSDGTETPRTLVEQARKLGLHGVAIADHDTTAGWDEATEASEEIGLPLLLGTEI
TAVDEDVSVH(MSE)LAFQYDPSNEHISS(MSE)FANTRAARLRRTKR(MSE)VERLSQDFPITWDDVLAQVKEGERTTI
GRPHIADALVAAGVYETRSDAFADAVSAKSKYYIPTPSPSTHEVIAAVKGAGGVVVAAHAGDPQRNRRLLSDEQLDA
(MSE)IADGLDGLEVWHRGNPPEQRERLLTIAARHDLLVTGGSDWHGKGKPNGLGENLTDDDTVREILCRGVDLIGRVGS
SHAA
;
_entity_poly.pdbx_strand_id   A
#
loop_
_chem_comp.id
_chem_comp.type
_chem_comp.name
_chem_comp.formula
AMP non-polymer 'ADENOSINE MONOPHOSPHATE' 'C10 H14 N5 O7 P'
EDO non-polymer 1,2-ETHANEDIOL 'C2 H6 O2'
FE non-polymer 'FE (III) ION' 'Fe 3'
PO4 non-polymer 'PHOSPHATE ION' 'O4 P -3'
ZN non-polymer 'ZINC ION' 'Zn 2'
#
# COMPACT_ATOMS: atom_id res chain seq x y z
N ALA A 8 20.42 -9.42 10.43
CA ALA A 8 19.25 -8.87 11.19
C ALA A 8 18.10 -9.87 11.21
N GLU A 9 17.19 -9.69 12.17
CA GLU A 9 16.01 -10.54 12.33
C GLU A 9 14.80 -9.65 12.41
N PRO A 10 13.61 -10.18 12.07
CA PRO A 10 12.44 -9.34 12.20
C PRO A 10 12.25 -8.90 13.66
N PRO A 11 11.93 -7.61 13.91
CA PRO A 11 11.75 -7.21 15.32
C PRO A 11 10.54 -7.87 16.02
N ALA A 12 10.68 -8.19 17.29
CA ALA A 12 9.59 -8.82 18.06
C ALA A 12 8.60 -7.77 18.55
N GLN A 13 9.06 -6.52 18.65
CA GLN A 13 8.20 -5.38 19.02
C GLN A 13 8.52 -4.16 18.19
N GLY A 14 7.54 -3.29 18.01
CA GLY A 14 7.67 -2.11 17.16
C GLY A 14 6.36 -1.71 16.52
N TRP A 15 6.44 -1.21 15.30
CA TRP A 15 5.32 -0.56 14.66
C TRP A 15 4.91 -1.38 13.44
N ASP A 16 3.62 -1.48 13.14
CA ASP A 16 3.19 -2.05 11.87
C ASP A 16 2.91 -0.86 10.93
N ILE A 17 3.79 -0.63 9.94
CA ILE A 17 3.65 0.61 9.15
C ILE A 17 3.02 0.40 7.77
N HIS A 18 2.39 -0.75 7.56
CA HIS A 18 1.79 -1.10 6.28
C HIS A 18 0.37 -1.67 6.47
N CYS A 19 -0.62 -0.78 6.63
CA CYS A 19 -2.00 -1.17 6.98
C CYS A 19 -2.98 -0.39 6.08
N HIS A 20 -3.95 -1.11 5.50
CA HIS A 20 -4.97 -0.56 4.62
C HIS A 20 -6.35 -0.54 5.28
N THR A 21 -7.20 0.40 4.86
CA THR A 21 -8.50 0.62 5.44
C THR A 21 -9.54 0.71 4.34
N VAL A 22 -10.76 0.97 4.72
CA VAL A 22 -11.84 1.29 3.77
C VAL A 22 -11.58 2.47 2.82
N PHE A 23 -10.66 3.37 3.14
CA PHE A 23 -10.28 4.43 2.18
C PHE A 23 -9.51 3.88 0.97
N SER A 24 -9.11 2.62 1.02
CA SER A 24 -8.77 1.89 -0.22
C SER A 24 -9.38 0.48 -0.23
N ASP A 25 -8.56 -0.54 0.01
CA ASP A 25 -9.02 -1.91 -0.11
C ASP A 25 -9.08 -2.74 1.19
N GLY A 26 -8.92 -2.08 2.34
CA GLY A 26 -9.08 -2.72 3.62
C GLY A 26 -10.59 -2.75 3.93
N THR A 27 -10.97 -3.49 4.96
CA THR A 27 -12.38 -3.67 5.31
C THR A 27 -12.78 -2.85 6.55
N GLU A 28 -11.80 -2.20 7.18
CA GLU A 28 -12.00 -1.58 8.46
C GLU A 28 -11.70 -0.10 8.43
N THR A 29 -12.20 0.60 9.44
CA THR A 29 -11.95 2.03 9.56
C THR A 29 -10.58 2.34 10.15
N PRO A 30 -10.10 3.57 9.94
CA PRO A 30 -8.90 4.01 10.64
C PRO A 30 -8.98 3.88 12.16
N ARG A 31 -10.13 4.20 12.73
CA ARG A 31 -10.35 4.03 14.16
C ARG A 31 -10.18 2.55 14.60
N THR A 32 -10.75 1.62 13.85
CA THR A 32 -10.60 0.18 14.18
C THR A 32 -9.12 -0.23 14.10
N LEU A 33 -8.41 0.25 13.08
CA LEU A 33 -7.00 -0.03 12.97
C LEU A 33 -6.22 0.41 14.20
N VAL A 34 -6.46 1.63 14.68
CA VAL A 34 -5.73 2.16 15.82
C VAL A 34 -6.06 1.44 17.11
N GLU A 35 -7.35 1.21 17.33
N GLU A 35 -7.35 1.21 17.33
CA GLU A 35 -7.84 0.48 18.49
CA GLU A 35 -7.83 0.49 18.50
C GLU A 35 -7.25 -0.93 18.55
C GLU A 35 -7.25 -0.93 18.56
N GLN A 36 -7.27 -1.63 17.43
CA GLN A 36 -6.73 -2.99 17.39
C GLN A 36 -5.21 -3.02 17.54
N ALA A 37 -4.51 -2.10 16.88
CA ALA A 37 -3.07 -2.03 16.99
C ALA A 37 -2.63 -1.83 18.45
N ARG A 38 -3.32 -0.96 19.20
CA ARG A 38 -3.03 -0.79 20.61
C ARG A 38 -3.26 -2.06 21.40
N LYS A 39 -4.43 -2.67 21.18
CA LYS A 39 -4.81 -3.94 21.84
C LYS A 39 -3.82 -5.08 21.61
N LEU A 40 -3.13 -5.06 20.48
CA LEU A 40 -2.16 -6.11 20.15
C LEU A 40 -0.79 -5.78 20.72
N GLY A 41 -0.66 -4.66 21.43
CA GLY A 41 0.60 -4.32 22.08
C GLY A 41 1.63 -3.71 21.15
N LEU A 42 1.18 -3.20 19.99
CA LEU A 42 2.07 -2.53 19.05
C LEU A 42 2.49 -1.18 19.63
N HIS A 43 3.68 -0.72 19.27
CA HIS A 43 4.15 0.61 19.74
C HIS A 43 3.60 1.75 18.89
N GLY A 44 3.13 1.42 17.71
CA GLY A 44 2.50 2.39 16.85
C GLY A 44 2.04 1.69 15.59
N VAL A 45 1.42 2.46 14.72
CA VAL A 45 0.88 1.95 13.48
C VAL A 45 1.02 3.02 12.42
N ALA A 46 0.91 2.64 11.15
CA ALA A 46 0.72 3.57 10.09
C ALA A 46 -0.48 3.22 9.27
N ILE A 47 -1.14 4.25 8.81
CA ILE A 47 -2.09 4.09 7.73
C ILE A 47 -1.33 4.25 6.38
N ALA A 48 -1.63 3.42 5.40
CA ALA A 48 -0.88 3.41 4.12
C ALA A 48 -1.79 3.05 2.98
N ASP A 49 -2.97 3.65 2.93
CA ASP A 49 -3.87 3.35 1.83
C ASP A 49 -3.31 3.68 0.43
N HIS A 50 -3.84 3.00 -0.58
CA HIS A 50 -3.39 3.14 -1.98
C HIS A 50 -3.75 4.52 -2.52
N ASP A 51 -2.73 5.25 -3.00
CA ASP A 51 -2.89 6.48 -3.82
C ASP A 51 -3.81 7.58 -3.20
N THR A 52 -3.71 7.76 -1.89
CA THR A 52 -4.59 8.66 -1.16
C THR A 52 -4.06 9.03 0.23
N THR A 53 -4.54 10.18 0.71
CA THR A 53 -4.43 10.56 2.14
C THR A 53 -5.81 10.73 2.77
N ALA A 54 -6.84 10.16 2.16
CA ALA A 54 -8.24 10.47 2.57
C ALA A 54 -8.57 10.03 4.00
N GLY A 55 -7.92 8.97 4.51
CA GLY A 55 -8.09 8.54 5.88
C GLY A 55 -7.18 9.15 6.92
N TRP A 56 -6.32 10.09 6.53
CA TRP A 56 -5.39 10.71 7.48
C TRP A 56 -6.04 11.44 8.66
N ASP A 57 -6.99 12.33 8.41
CA ASP A 57 -7.73 13.01 9.50
C ASP A 57 -8.38 12.02 10.46
N GLU A 58 -9.09 11.04 9.94
CA GLU A 58 -9.66 9.98 10.80
C GLU A 58 -8.59 9.23 11.62
N ALA A 59 -7.50 8.84 10.98
CA ALA A 59 -6.43 8.12 11.68
C ALA A 59 -5.83 9.00 12.79
N THR A 60 -5.59 10.27 12.49
CA THR A 60 -5.00 11.18 13.48
C THR A 60 -5.92 11.30 14.70
N GLU A 61 -7.20 11.52 14.44
CA GLU A 61 -8.18 11.65 15.51
C GLU A 61 -8.20 10.42 16.40
N ALA A 62 -8.23 9.25 15.77
CA ALA A 62 -8.24 7.97 16.48
C ALA A 62 -6.99 7.85 17.36
N SER A 63 -5.85 8.17 16.77
CA SER A 63 -4.55 8.08 17.45
C SER A 63 -4.55 8.91 18.69
N GLU A 64 -5.13 10.10 18.59
CA GLU A 64 -5.18 11.03 19.71
C GLU A 64 -6.16 10.59 20.77
N GLU A 65 -7.33 10.11 20.35
CA GLU A 65 -8.32 9.62 21.30
C GLU A 65 -7.88 8.33 21.98
N ILE A 66 -7.29 7.41 21.25
CA ILE A 66 -6.94 6.08 21.80
C ILE A 66 -5.56 6.09 22.46
N GLY A 67 -4.68 7.01 22.05
CA GLY A 67 -3.35 7.11 22.67
C GLY A 67 -2.37 6.11 22.06
N LEU A 68 -2.29 6.07 20.73
CA LEU A 68 -1.31 5.25 20.07
C LEU A 68 -0.67 6.09 19.00
N PRO A 69 0.65 6.21 19.05
CA PRO A 69 1.43 6.90 18.04
C PRO A 69 1.11 6.39 16.64
N LEU A 70 1.08 7.31 15.69
CA LEU A 70 0.67 7.06 14.32
C LEU A 70 1.65 7.63 13.30
N LEU A 71 1.98 6.87 12.26
CA LEU A 71 2.68 7.39 11.09
C LEU A 71 1.67 7.59 9.96
N LEU A 72 1.75 8.72 9.29
CA LEU A 72 0.87 9.03 8.18
C LEU A 72 1.53 8.61 6.87
N GLY A 73 0.86 7.72 6.13
CA GLY A 73 1.48 7.16 4.94
C GLY A 73 0.52 6.86 3.81
N THR A 74 1.10 6.46 2.69
CA THR A 74 0.32 6.17 1.47
C THR A 74 1.08 5.10 0.71
N GLU A 75 0.39 4.14 0.11
CA GLU A 75 1.07 3.18 -0.77
C GLU A 75 0.81 3.63 -2.20
N ILE A 76 1.87 3.99 -2.90
CA ILE A 76 1.75 4.61 -4.21
C ILE A 76 1.99 3.55 -5.26
N THR A 77 1.04 3.45 -6.18
CA THR A 77 1.14 2.53 -7.31
C THR A 77 2.12 3.10 -8.36
N ALA A 78 3.10 2.31 -8.77
CA ALA A 78 4.11 2.77 -9.67
C ALA A 78 4.58 1.63 -10.58
N VAL A 79 5.40 1.98 -11.57
N VAL A 79 5.37 1.98 -11.58
CA VAL A 79 5.98 1.01 -12.49
CA VAL A 79 6.01 0.99 -12.46
C VAL A 79 7.42 1.35 -12.81
C VAL A 79 7.45 1.35 -12.72
N ASP A 80 8.24 0.31 -12.99
CA ASP A 80 9.63 0.48 -13.40
C ASP A 80 10.02 -0.48 -14.54
N GLU A 81 10.21 0.06 -15.74
CA GLU A 81 10.31 -0.78 -16.94
C GLU A 81 9.09 -1.67 -16.94
N ASP A 82 9.20 -2.99 -16.97
CA ASP A 82 7.96 -3.81 -16.97
C ASP A 82 7.50 -4.32 -15.59
N VAL A 83 8.03 -3.75 -14.50
CA VAL A 83 7.82 -4.28 -13.17
C VAL A 83 6.82 -3.38 -12.42
N SER A 84 5.73 -3.95 -11.95
CA SER A 84 4.86 -3.27 -10.97
C SER A 84 5.61 -3.06 -9.65
N VAL A 85 5.60 -1.83 -9.14
CA VAL A 85 6.31 -1.48 -7.91
C VAL A 85 5.33 -0.67 -7.04
N HIS A 86 5.21 -1.05 -5.78
CA HIS A 86 4.48 -0.29 -4.82
C HIS A 86 5.48 0.43 -3.90
N MSE A 87 5.25 1.73 -3.70
CA MSE A 87 6.13 2.58 -2.91
C MSE A 87 5.34 3.06 -1.70
O MSE A 87 4.29 3.65 -1.85
CB MSE A 87 6.50 3.82 -3.71
CG MSE A 87 7.07 3.49 -5.10
SE MSE A 87 8.98 3.25 -5.13
CE MSE A 87 9.48 3.09 -3.27
N LEU A 88 5.91 2.88 -0.52
CA LEU A 88 5.33 3.41 0.71
C LEU A 88 5.95 4.80 0.93
N ALA A 89 5.09 5.79 1.17
CA ALA A 89 5.47 7.20 1.34
C ALA A 89 4.96 7.64 2.68
N PHE A 90 5.85 8.09 3.54
CA PHE A 90 5.44 8.49 4.88
C PHE A 90 5.81 9.94 5.17
N GLN A 91 4.98 10.57 5.98
CA GLN A 91 5.28 11.87 6.60
C GLN A 91 5.67 12.93 5.60
N TYR A 92 4.83 13.09 4.58
CA TYR A 92 5.03 14.14 3.57
C TYR A 92 3.91 15.16 3.68
N ASP A 93 4.10 16.33 3.08
CA ASP A 93 3.06 17.37 3.09
C ASP A 93 1.85 16.98 2.24
N PRO A 94 0.70 16.71 2.87
CA PRO A 94 -0.45 16.23 2.06
C PRO A 94 -1.03 17.25 1.09
N SER A 95 -0.76 18.52 1.31
CA SER A 95 -1.24 19.56 0.41
C SER A 95 -0.27 19.83 -0.74
N ASN A 96 0.88 19.16 -0.79
CA ASN A 96 1.82 19.34 -1.91
C ASN A 96 1.11 19.12 -3.24
N GLU A 97 1.21 20.09 -4.16
N GLU A 97 1.23 20.09 -4.14
CA GLU A 97 0.42 20.10 -5.40
CA GLU A 97 0.45 20.11 -5.37
C GLU A 97 0.83 19.00 -6.39
C GLU A 97 0.83 18.96 -6.31
N HIS A 98 2.13 18.67 -6.44
CA HIS A 98 2.64 17.62 -7.34
C HIS A 98 2.12 16.26 -6.88
N ILE A 99 2.26 15.98 -5.59
CA ILE A 99 1.86 14.66 -5.13
C ILE A 99 0.33 14.55 -5.17
N SER A 100 -0.37 15.62 -4.83
CA SER A 100 -1.84 15.64 -4.90
C SER A 100 -2.41 15.36 -6.28
N SER A 101 -1.85 16.00 -7.29
CA SER A 101 -2.35 15.81 -8.62
C SER A 101 -1.94 14.44 -9.17
N MSE A 102 -0.76 13.94 -8.81
CA MSE A 102 -0.38 12.59 -9.20
C MSE A 102 -1.35 11.53 -8.63
O MSE A 102 -1.74 10.58 -9.34
CB MSE A 102 0.99 12.27 -8.69
CG MSE A 102 1.44 10.89 -9.05
SE MSE A 102 3.30 10.65 -8.54
CE MSE A 102 3.03 10.10 -6.75
N PHE A 103 -1.71 11.68 -7.36
CA PHE A 103 -2.77 10.80 -6.80
C PHE A 103 -4.12 10.93 -7.48
N ALA A 104 -4.53 12.15 -7.78
CA ALA A 104 -5.84 12.37 -8.42
C ALA A 104 -5.83 11.68 -9.78
N ASN A 105 -4.72 11.80 -10.50
CA ASN A 105 -4.60 11.16 -11.79
C ASN A 105 -4.64 9.65 -11.65
N THR A 106 -3.95 9.11 -10.65
CA THR A 106 -3.95 7.64 -10.50
C THR A 106 -5.33 7.13 -10.10
N ARG A 107 -6.02 7.87 -9.24
CA ARG A 107 -7.36 7.47 -8.83
C ARG A 107 -8.33 7.52 -10.01
N ALA A 108 -8.23 8.54 -10.87
CA ALA A 108 -9.11 8.63 -12.05
C ALA A 108 -8.78 7.52 -13.06
N ALA A 109 -7.49 7.26 -13.28
CA ALA A 109 -7.07 6.16 -14.15
C ALA A 109 -7.57 4.78 -13.62
N ARG A 110 -7.39 4.55 -12.32
CA ARG A 110 -8.00 3.39 -11.60
C ARG A 110 -9.53 3.24 -11.77
N LEU A 111 -10.25 4.33 -11.60
CA LEU A 111 -11.69 4.31 -11.78
C LEU A 111 -12.07 3.90 -13.21
N ARG A 112 -11.41 4.51 -14.18
N ARG A 112 -11.44 4.51 -14.21
CA ARG A 112 -11.68 4.27 -15.58
CA ARG A 112 -11.77 4.24 -15.60
C ARG A 112 -11.41 2.82 -15.95
C ARG A 112 -11.41 2.80 -16.00
N ARG A 113 -10.26 2.33 -15.51
CA ARG A 113 -9.81 0.98 -15.75
C ARG A 113 -10.74 -0.07 -15.11
N THR A 114 -11.17 0.22 -13.88
CA THR A 114 -11.88 -0.74 -13.07
C THR A 114 -13.31 -0.86 -13.64
N LYS A 115 -13.86 0.26 -14.09
CA LYS A 115 -15.13 0.26 -14.81
C LYS A 115 -15.05 -0.60 -16.07
N ARG A 116 -13.98 -0.45 -16.85
CA ARG A 116 -13.88 -1.19 -18.13
C ARG A 116 -13.74 -2.67 -17.85
N MSE A 117 -13.03 -3.03 -16.78
CA MSE A 117 -12.96 -4.42 -16.33
C MSE A 117 -14.30 -4.98 -15.94
O MSE A 117 -14.57 -6.12 -16.26
CB MSE A 117 -12.02 -4.56 -15.15
CG MSE A 117 -10.59 -4.60 -15.58
SE MSE A 117 -9.42 -5.16 -14.14
CE MSE A 117 -10.18 -6.93 -13.65
N VAL A 118 -15.11 -4.20 -15.20
CA VAL A 118 -16.43 -4.68 -14.79
C VAL A 118 -17.33 -4.80 -16.05
N GLU A 119 -17.18 -3.90 -17.02
CA GLU A 119 -18.01 -3.97 -18.23
C GLU A 119 -17.78 -5.35 -18.88
N ARG A 120 -16.51 -5.79 -18.95
CA ARG A 120 -16.17 -7.08 -19.59
C ARG A 120 -16.63 -8.24 -18.73
N LEU A 121 -16.30 -8.18 -17.44
CA LEU A 121 -16.71 -9.23 -16.49
C LEU A 121 -18.24 -9.44 -16.48
N SER A 122 -19.00 -8.37 -16.64
CA SER A 122 -20.47 -8.48 -16.56
C SER A 122 -21.09 -9.26 -17.69
N GLN A 123 -20.36 -9.42 -18.80
CA GLN A 123 -20.81 -10.29 -19.91
C GLN A 123 -20.85 -11.72 -19.45
N ASP A 124 -19.94 -12.11 -18.54
CA ASP A 124 -19.83 -13.51 -18.14
C ASP A 124 -20.23 -13.82 -16.72
N PHE A 125 -20.39 -12.79 -15.87
CA PHE A 125 -20.66 -13.00 -14.45
C PHE A 125 -21.81 -12.10 -13.99
N PRO A 126 -22.52 -12.50 -12.93
CA PRO A 126 -23.61 -11.64 -12.45
C PRO A 126 -23.09 -10.52 -11.55
N ILE A 127 -22.46 -9.52 -12.16
N ILE A 127 -22.42 -9.53 -12.13
CA ILE A 127 -21.96 -8.32 -11.47
CA ILE A 127 -22.08 -8.32 -11.40
C ILE A 127 -22.33 -7.10 -12.31
C ILE A 127 -22.31 -7.12 -12.29
N THR A 128 -22.60 -6.00 -11.63
CA THR A 128 -22.87 -4.72 -12.30
C THR A 128 -21.94 -3.71 -11.68
N TRP A 129 -21.81 -2.55 -12.31
CA TRP A 129 -21.05 -1.48 -11.72
C TRP A 129 -21.57 -1.17 -10.33
N ASP A 130 -22.90 -1.16 -10.14
CA ASP A 130 -23.46 -0.90 -8.81
C ASP A 130 -23.12 -1.92 -7.74
N ASP A 131 -22.93 -3.18 -8.11
CA ASP A 131 -22.52 -4.17 -7.12
C ASP A 131 -21.11 -3.81 -6.63
N VAL A 132 -20.28 -3.32 -7.55
CA VAL A 132 -18.91 -2.91 -7.18
C VAL A 132 -18.94 -1.66 -6.33
N LEU A 133 -19.72 -0.68 -6.78
CA LEU A 133 -19.90 0.54 -6.02
C LEU A 133 -20.40 0.23 -4.61
N ALA A 134 -21.23 -0.80 -4.45
CA ALA A 134 -21.63 -1.24 -3.10
C ALA A 134 -20.48 -1.69 -2.20
N GLN A 135 -19.33 -2.07 -2.79
CA GLN A 135 -18.18 -2.56 -2.00
C GLN A 135 -17.14 -1.45 -1.71
N VAL A 136 -17.35 -0.28 -2.33
CA VAL A 136 -16.51 0.91 -2.12
C VAL A 136 -17.02 1.71 -0.90
N LYS A 137 -16.40 1.54 0.27
CA LYS A 137 -17.05 1.83 1.54
C LYS A 137 -17.06 3.28 1.95
N GLU A 138 -16.15 4.06 1.39
CA GLU A 138 -16.16 5.48 1.64
C GLU A 138 -16.51 6.31 0.43
N GLY A 139 -17.13 5.70 -0.57
CA GLY A 139 -17.57 6.39 -1.80
C GLY A 139 -16.45 7.02 -2.61
N GLU A 140 -16.67 8.27 -3.02
CA GLU A 140 -15.65 9.02 -3.77
C GLU A 140 -14.30 9.06 -3.04
N ARG A 141 -14.28 8.86 -1.72
CA ARG A 141 -13.06 8.97 -0.93
C ARG A 141 -12.26 7.66 -0.85
N THR A 142 -12.82 6.60 -1.44
CA THR A 142 -12.17 5.31 -1.53
C THR A 142 -11.44 5.20 -2.87
N THR A 143 -10.17 4.83 -2.82
CA THR A 143 -9.37 4.46 -4.00
C THR A 143 -9.75 3.07 -4.48
N ILE A 144 -10.34 2.99 -5.68
CA ILE A 144 -10.93 1.77 -6.18
C ILE A 144 -9.91 0.90 -6.93
N GLY A 145 -10.13 -0.40 -6.96
CA GLY A 145 -9.31 -1.27 -7.78
C GLY A 145 -9.91 -2.65 -7.85
N ARG A 146 -9.08 -3.63 -8.21
CA ARG A 146 -9.55 -5.03 -8.31
C ARG A 146 -10.13 -5.63 -7.04
N PRO A 147 -9.62 -5.27 -5.84
CA PRO A 147 -10.26 -5.85 -4.66
C PRO A 147 -11.75 -5.62 -4.52
N HIS A 148 -12.24 -4.45 -4.95
CA HIS A 148 -13.63 -4.14 -4.92
C HIS A 148 -14.43 -4.95 -5.93
N ILE A 149 -13.85 -5.23 -7.09
CA ILE A 149 -14.42 -6.20 -8.01
C ILE A 149 -14.48 -7.58 -7.36
N ALA A 150 -13.36 -8.05 -6.80
CA ALA A 150 -13.34 -9.36 -6.14
C ALA A 150 -14.42 -9.43 -5.08
N ASP A 151 -14.51 -8.40 -4.23
CA ASP A 151 -15.55 -8.33 -3.21
C ASP A 151 -16.97 -8.42 -3.80
N ALA A 152 -17.24 -7.73 -4.91
CA ALA A 152 -18.55 -7.78 -5.52
C ALA A 152 -18.86 -9.22 -6.00
N LEU A 153 -17.82 -9.93 -6.46
CA LEU A 153 -17.98 -11.30 -6.97
C LEU A 153 -18.20 -12.26 -5.83
N VAL A 154 -17.68 -11.93 -4.65
CA VAL A 154 -17.96 -12.73 -3.43
C VAL A 154 -19.38 -12.42 -2.94
N ALA A 155 -19.77 -11.13 -2.89
CA ALA A 155 -21.16 -10.78 -2.51
C ALA A 155 -22.23 -11.38 -3.44
N ALA A 156 -21.87 -11.62 -4.70
CA ALA A 156 -22.76 -12.20 -5.70
C ALA A 156 -22.74 -13.74 -5.65
N GLY A 157 -21.82 -14.30 -4.87
CA GLY A 157 -21.77 -15.73 -4.64
C GLY A 157 -20.91 -16.51 -5.63
N VAL A 158 -20.13 -15.81 -6.46
CA VAL A 158 -19.35 -16.47 -7.49
C VAL A 158 -18.11 -17.15 -6.91
N TYR A 159 -17.54 -16.56 -5.85
CA TYR A 159 -16.32 -17.09 -5.17
C TYR A 159 -16.52 -17.07 -3.65
N GLU A 160 -15.78 -17.91 -2.92
CA GLU A 160 -15.95 -17.97 -1.43
C GLU A 160 -15.22 -16.80 -0.75
N THR A 161 -13.99 -16.54 -1.19
CA THR A 161 -13.13 -15.51 -0.61
C THR A 161 -12.67 -14.51 -1.67
N ARG A 162 -12.24 -13.33 -1.23
CA ARG A 162 -11.63 -12.37 -2.14
C ARG A 162 -10.40 -12.93 -2.83
N SER A 163 -9.57 -13.63 -2.07
CA SER A 163 -8.38 -14.34 -2.61
C SER A 163 -8.69 -15.42 -3.70
N ASP A 164 -9.86 -16.06 -3.61
CA ASP A 164 -10.33 -17.00 -4.65
C ASP A 164 -10.54 -16.27 -5.97
N ALA A 165 -11.16 -15.10 -5.88
CA ALA A 165 -11.45 -14.32 -7.07
C ALA A 165 -10.17 -13.98 -7.80
N PHE A 166 -9.18 -13.55 -7.03
CA PHE A 166 -7.84 -13.19 -7.56
C PHE A 166 -7.09 -14.37 -8.20
N ALA A 167 -7.34 -15.58 -7.66
CA ALA A 167 -6.83 -16.82 -8.29
C ALA A 167 -7.48 -17.12 -9.67
N ASP A 168 -8.56 -16.43 -10.01
CA ASP A 168 -9.33 -16.74 -11.22
C ASP A 168 -9.67 -15.48 -12.05
N ALA A 169 -10.95 -15.10 -12.08
CA ALA A 169 -11.45 -14.06 -13.00
C ALA A 169 -10.73 -12.72 -12.83
N VAL A 170 -10.34 -12.39 -11.60
CA VAL A 170 -9.75 -11.09 -11.27
C VAL A 170 -8.21 -11.15 -11.32
N SER A 171 -7.66 -12.35 -11.55
CA SER A 171 -6.22 -12.55 -11.74
C SER A 171 -5.66 -11.66 -12.83
N ALA A 172 -4.40 -11.26 -12.68
CA ALA A 172 -3.68 -10.51 -13.71
C ALA A 172 -3.46 -11.30 -15.00
N LYS A 173 -3.46 -12.64 -14.90
CA LYS A 173 -3.37 -13.51 -16.09
C LYS A 173 -4.64 -13.54 -16.93
N SER A 174 -5.79 -13.18 -16.35
CA SER A 174 -7.08 -13.46 -16.98
C SER A 174 -7.33 -12.54 -18.17
N LYS A 175 -8.28 -12.94 -19.00
CA LYS A 175 -8.66 -12.17 -20.19
C LYS A 175 -9.40 -10.87 -19.86
N TYR A 176 -9.87 -10.73 -18.62
CA TYR A 176 -10.60 -9.54 -18.16
C TYR A 176 -9.64 -8.47 -17.64
N TYR A 177 -8.45 -8.90 -17.20
CA TYR A 177 -7.49 -7.96 -16.61
C TYR A 177 -7.11 -6.81 -17.55
N ILE A 178 -7.12 -5.59 -17.01
CA ILE A 178 -6.50 -4.41 -17.65
C ILE A 178 -5.47 -3.78 -16.68
N PRO A 179 -4.26 -3.40 -17.15
CA PRO A 179 -3.35 -2.72 -16.23
C PRO A 179 -3.75 -1.26 -16.02
N THR A 180 -3.47 -0.72 -14.84
CA THR A 180 -3.72 0.71 -14.60
C THR A 180 -2.52 1.54 -15.08
N PRO A 181 -2.75 2.59 -15.90
CA PRO A 181 -1.65 3.53 -16.20
C PRO A 181 -1.07 4.09 -14.87
N SER A 182 0.24 3.99 -14.70
CA SER A 182 0.89 4.32 -13.44
C SER A 182 2.08 5.22 -13.65
N PRO A 183 2.39 6.07 -12.65
CA PRO A 183 3.61 6.86 -12.79
C PRO A 183 4.87 5.97 -12.65
N SER A 184 6.00 6.46 -13.11
CA SER A 184 7.25 5.73 -12.91
C SER A 184 7.74 5.88 -11.46
N THR A 185 8.54 4.93 -11.04
CA THR A 185 9.21 5.00 -9.73
C THR A 185 10.07 6.26 -9.62
N HIS A 186 10.72 6.69 -10.70
N HIS A 186 10.75 6.66 -10.70
CA HIS A 186 11.54 7.90 -10.64
CA HIS A 186 11.56 7.90 -10.68
C HIS A 186 10.69 9.15 -10.38
C HIS A 186 10.65 9.09 -10.32
N GLU A 187 9.50 9.19 -10.98
CA GLU A 187 8.58 10.28 -10.75
C GLU A 187 8.03 10.23 -9.35
N VAL A 188 7.61 9.07 -8.90
CA VAL A 188 7.09 8.91 -7.52
C VAL A 188 8.13 9.32 -6.47
N ILE A 189 9.36 8.84 -6.62
CA ILE A 189 10.39 9.22 -5.66
C ILE A 189 10.67 10.72 -5.62
N ALA A 190 10.77 11.36 -6.78
CA ALA A 190 10.94 12.80 -6.83
C ALA A 190 9.78 13.52 -6.15
N ALA A 191 8.56 13.05 -6.36
CA ALA A 191 7.38 13.70 -5.80
C ALA A 191 7.37 13.55 -4.28
N VAL A 192 7.73 12.35 -3.78
CA VAL A 192 7.66 12.11 -2.35
C VAL A 192 8.71 12.96 -1.64
N LYS A 193 9.95 12.94 -2.17
CA LYS A 193 11.00 13.79 -1.65
C LYS A 193 10.64 15.26 -1.81
N GLY A 194 10.03 15.62 -2.92
CA GLY A 194 9.56 17.00 -3.10
C GLY A 194 8.62 17.46 -1.99
N ALA A 195 7.75 16.56 -1.57
CA ALA A 195 6.70 16.83 -0.58
C ALA A 195 7.26 16.64 0.84
N GLY A 196 8.57 16.40 0.94
CA GLY A 196 9.26 16.35 2.22
C GLY A 196 9.18 15.01 2.91
N GLY A 197 8.76 13.98 2.17
CA GLY A 197 8.50 12.67 2.76
C GLY A 197 9.64 11.67 2.70
N VAL A 198 9.30 10.46 3.14
CA VAL A 198 10.22 9.34 3.23
C VAL A 198 9.60 8.27 2.37
N VAL A 199 10.43 7.70 1.51
CA VAL A 199 9.96 6.74 0.52
C VAL A 199 10.66 5.37 0.66
N VAL A 200 9.87 4.31 0.66
CA VAL A 200 10.35 2.94 0.91
C VAL A 200 9.79 2.03 -0.19
N ALA A 201 10.60 1.17 -0.81
CA ALA A 201 10.10 0.19 -1.79
C ALA A 201 9.39 -0.96 -1.00
N ALA A 202 8.10 -1.17 -1.30
CA ALA A 202 7.25 -2.17 -0.63
C ALA A 202 7.46 -3.59 -1.23
N HIS A 203 7.46 -4.60 -0.35
CA HIS A 203 7.60 -6.05 -0.67
C HIS A 203 8.38 -6.31 -1.99
N ALA A 204 9.64 -5.87 -2.05
CA ALA A 204 10.30 -5.79 -3.35
C ALA A 204 10.81 -7.16 -3.80
N GLY A 205 10.77 -8.15 -2.90
CA GLY A 205 11.15 -9.52 -3.24
C GLY A 205 9.99 -10.46 -3.52
N ASP A 206 8.80 -9.91 -3.75
CA ASP A 206 7.57 -10.70 -3.84
C ASP A 206 7.26 -11.12 -5.31
N PRO A 207 7.34 -12.43 -5.62
CA PRO A 207 7.19 -12.89 -7.00
C PRO A 207 5.72 -13.03 -7.50
N GLN A 208 4.75 -13.23 -6.60
CA GLN A 208 3.33 -13.30 -7.01
C GLN A 208 2.89 -11.96 -7.67
N ARG A 209 3.51 -10.86 -7.23
CA ARG A 209 3.33 -9.55 -7.84
C ARG A 209 3.73 -9.46 -9.34
N ASN A 210 4.85 -10.07 -9.73
CA ASN A 210 5.49 -9.84 -11.06
C ASN A 210 6.15 -11.09 -11.69
N ARG A 211 6.18 -11.17 -13.02
CA ARG A 211 7.05 -12.14 -13.73
C ARG A 211 8.56 -12.03 -13.33
N ARG A 212 9.06 -10.82 -13.07
CA ARG A 212 10.40 -10.66 -12.54
C ARG A 212 10.43 -9.56 -11.49
N LEU A 213 11.26 -9.74 -10.47
CA LEU A 213 11.54 -8.73 -9.46
C LEU A 213 12.39 -7.58 -10.01
N LEU A 214 12.33 -6.45 -9.33
CA LEU A 214 13.31 -5.40 -9.54
C LEU A 214 14.70 -5.96 -9.43
N SER A 215 15.56 -5.54 -10.34
CA SER A 215 16.94 -5.92 -10.29
C SER A 215 17.73 -4.98 -9.38
N ASP A 216 18.95 -5.38 -9.04
CA ASP A 216 19.87 -4.52 -8.28
C ASP A 216 20.10 -3.17 -8.97
N GLU A 217 20.26 -3.19 -10.28
CA GLU A 217 20.44 -1.97 -11.08
C GLU A 217 19.25 -1.01 -10.95
N GLN A 218 18.02 -1.54 -11.03
CA GLN A 218 16.82 -0.71 -10.85
C GLN A 218 16.75 -0.16 -9.43
N LEU A 219 17.15 -0.96 -8.45
CA LEU A 219 17.19 -0.49 -7.09
C LEU A 219 18.23 0.59 -6.93
N ASP A 220 19.40 0.44 -7.60
CA ASP A 220 20.46 1.42 -7.51
C ASP A 220 20.02 2.76 -8.05
N ALA A 221 19.30 2.75 -9.17
CA ALA A 221 18.78 3.98 -9.78
C ALA A 221 17.73 4.67 -8.93
N MSE A 222 16.90 3.88 -8.25
CA MSE A 222 15.98 4.45 -7.22
C MSE A 222 16.70 5.00 -6.00
O MSE A 222 16.33 6.09 -5.50
CB MSE A 222 14.96 3.41 -6.78
CG MSE A 222 14.00 3.09 -7.89
SE MSE A 222 13.10 1.40 -7.49
CE MSE A 222 11.97 1.89 -6.02
N ILE A 223 17.75 4.30 -5.53
CA ILE A 223 18.59 4.82 -4.45
C ILE A 223 19.19 6.18 -4.87
N ALA A 224 19.73 6.27 -6.10
CA ALA A 224 20.24 7.56 -6.63
C ALA A 224 19.15 8.64 -6.73
N ASP A 225 17.90 8.27 -6.99
CA ASP A 225 16.76 9.21 -7.06
C ASP A 225 16.39 9.80 -5.68
N GLY A 226 16.83 9.16 -4.60
CA GLY A 226 16.45 9.50 -3.20
C GLY A 226 15.68 8.45 -2.38
N LEU A 227 15.63 7.18 -2.81
CA LEU A 227 14.95 6.11 -2.04
C LEU A 227 15.49 6.02 -0.63
N ASP A 228 14.62 6.05 0.37
CA ASP A 228 15.08 6.01 1.74
C ASP A 228 15.25 4.60 2.28
N GLY A 229 14.43 3.66 1.81
CA GLY A 229 14.36 2.34 2.45
C GLY A 229 13.73 1.22 1.65
N LEU A 230 13.82 0.04 2.23
CA LEU A 230 13.31 -1.24 1.69
C LEU A 230 12.50 -1.96 2.77
N GLU A 231 11.31 -2.40 2.42
CA GLU A 231 10.47 -3.20 3.26
C GLU A 231 10.96 -4.63 3.13
N VAL A 232 11.54 -5.16 4.21
CA VAL A 232 12.11 -6.47 4.23
C VAL A 232 11.22 -7.45 4.94
N TRP A 233 10.69 -7.04 6.08
CA TRP A 233 9.92 -7.95 6.92
C TRP A 233 8.47 -7.93 6.43
N HIS A 234 8.16 -8.84 5.51
CA HIS A 234 6.87 -8.88 4.85
C HIS A 234 6.65 -10.31 4.39
N ARG A 235 5.44 -10.81 4.54
CA ARG A 235 5.15 -12.22 4.23
C ARG A 235 5.40 -12.57 2.75
N GLY A 236 5.35 -11.60 1.86
CA GLY A 236 5.69 -11.80 0.43
C GLY A 236 7.18 -11.90 0.05
N ASN A 237 8.08 -11.56 0.97
CA ASN A 237 9.52 -11.72 0.73
C ASN A 237 10.06 -13.05 1.27
N PRO A 238 10.42 -14.01 0.38
CA PRO A 238 11.13 -15.21 0.84
C PRO A 238 12.52 -14.96 1.42
N PRO A 239 13.06 -15.95 2.16
CA PRO A 239 14.33 -15.85 2.87
C PRO A 239 15.53 -15.34 2.07
N GLU A 240 15.71 -15.88 0.86
N GLU A 240 15.76 -15.86 0.86
CA GLU A 240 16.83 -15.44 0.01
CA GLU A 240 16.91 -15.37 0.07
C GLU A 240 16.74 -13.97 -0.36
C GLU A 240 16.75 -13.92 -0.34
N GLN A 241 15.51 -13.48 -0.54
CA GLN A 241 15.25 -12.13 -0.97
C GLN A 241 15.42 -11.19 0.22
N ARG A 242 14.99 -11.61 1.41
CA ARG A 242 15.28 -10.84 2.62
C ARG A 242 16.77 -10.66 2.75
N GLU A 243 17.57 -11.71 2.58
CA GLU A 243 19.04 -11.53 2.68
C GLU A 243 19.61 -10.61 1.61
N ARG A 244 19.09 -10.74 0.40
CA ARG A 244 19.52 -9.87 -0.70
C ARG A 244 19.17 -8.39 -0.39
N LEU A 245 17.98 -8.13 0.08
CA LEU A 245 17.56 -6.75 0.33
C LEU A 245 18.29 -6.14 1.54
N LEU A 246 18.56 -6.96 2.57
CA LEU A 246 19.29 -6.50 3.76
C LEU A 246 20.72 -6.10 3.37
N THR A 247 21.31 -6.84 2.44
CA THR A 247 22.62 -6.55 1.97
C THR A 247 22.67 -5.24 1.22
N ILE A 248 21.70 -5.03 0.32
CA ILE A 248 21.60 -3.77 -0.40
C ILE A 248 21.40 -2.60 0.56
N ALA A 249 20.49 -2.77 1.53
CA ALA A 249 20.25 -1.76 2.54
C ALA A 249 21.52 -1.46 3.39
N ALA A 250 22.26 -2.48 3.81
CA ALA A 250 23.49 -2.25 4.58
C ALA A 250 24.51 -1.49 3.75
N ARG A 251 24.67 -1.85 2.47
CA ARG A 251 25.66 -1.22 1.61
C ARG A 251 25.38 0.25 1.34
N HIS A 252 24.12 0.66 1.34
CA HIS A 252 23.74 2.03 1.01
C HIS A 252 23.11 2.76 2.20
N ASP A 253 23.22 2.19 3.38
CA ASP A 253 22.68 2.82 4.54
C ASP A 253 21.18 3.13 4.45
N LEU A 254 20.38 2.21 3.88
CA LEU A 254 18.97 2.41 3.77
C LEU A 254 18.27 1.96 5.05
N LEU A 255 17.12 2.53 5.29
CA LEU A 255 16.21 2.04 6.31
C LEU A 255 15.59 0.68 5.93
N VAL A 256 15.38 -0.17 6.95
CA VAL A 256 14.77 -1.48 6.74
C VAL A 256 13.47 -1.49 7.52
N THR A 257 12.38 -1.77 6.82
CA THR A 257 11.04 -1.75 7.41
C THR A 257 10.36 -3.13 7.32
N GLY A 258 9.28 -3.24 8.08
CA GLY A 258 8.40 -4.39 8.06
C GLY A 258 6.97 -3.91 8.30
N GLY A 259 6.02 -4.70 7.83
CA GLY A 259 4.62 -4.42 8.04
C GLY A 259 3.79 -5.60 7.62
N SER A 260 2.52 -5.61 8.00
CA SER A 260 1.64 -6.75 7.79
C SER A 260 0.97 -6.76 6.44
N ASP A 261 0.79 -5.59 5.82
CA ASP A 261 -0.11 -5.45 4.69
C ASP A 261 -1.53 -5.89 5.09
N TRP A 262 -1.92 -5.57 6.32
CA TRP A 262 -3.26 -5.84 6.78
C TRP A 262 -4.28 -5.13 5.92
N HIS A 263 -5.32 -5.88 5.58
CA HIS A 263 -6.48 -5.35 4.91
C HIS A 263 -7.74 -5.80 5.66
N GLY A 264 -7.59 -6.10 6.95
CA GLY A 264 -8.71 -6.59 7.73
C GLY A 264 -9.15 -7.96 7.24
N LYS A 265 -10.45 -8.09 6.98
CA LYS A 265 -11.00 -9.34 6.44
C LYS A 265 -10.66 -9.57 4.96
N GLY A 266 -10.08 -8.58 4.28
CA GLY A 266 -9.78 -8.69 2.84
C GLY A 266 -8.61 -9.61 2.49
N LYS A 267 -7.78 -9.94 3.47
CA LYS A 267 -6.64 -10.81 3.26
C LYS A 267 -6.42 -11.62 4.52
N PRO A 268 -5.67 -12.72 4.43
CA PRO A 268 -5.29 -13.45 5.63
C PRO A 268 -4.27 -12.72 6.53
N ASN A 269 -3.58 -11.70 6.01
CA ASN A 269 -2.49 -10.97 6.74
C ASN A 269 -2.98 -10.46 8.12
N GLY A 270 -2.30 -10.87 9.17
CA GLY A 270 -2.62 -10.43 10.53
C GLY A 270 -1.98 -9.12 10.92
N LEU A 271 -2.76 -8.27 11.59
CA LEU A 271 -2.28 -6.97 12.02
C LEU A 271 -1.12 -7.27 12.92
N GLY A 272 -0.01 -6.61 12.67
CA GLY A 272 1.16 -6.81 13.51
C GLY A 272 2.03 -7.99 13.21
N GLU A 273 1.75 -8.75 12.16
CA GLU A 273 2.52 -9.99 11.90
C GLU A 273 3.97 -9.72 11.50
N ASN A 274 4.26 -8.53 10.97
CA ASN A 274 5.65 -8.08 10.76
C ASN A 274 5.71 -6.62 11.14
N LEU A 275 6.89 -6.21 11.56
CA LEU A 275 7.03 -4.94 12.27
C LEU A 275 8.30 -4.16 11.86
N THR A 276 8.27 -2.83 12.09
CA THR A 276 9.42 -1.97 11.96
C THR A 276 9.91 -1.61 13.35
N ASP A 277 11.22 -1.70 13.61
CA ASP A 277 11.71 -1.38 14.95
C ASP A 277 11.58 0.12 15.22
N ASP A 278 11.49 0.44 16.50
CA ASP A 278 11.42 1.80 17.04
C ASP A 278 12.49 2.72 16.51
N ASP A 279 13.72 2.26 16.43
CA ASP A 279 14.77 3.13 15.88
C ASP A 279 14.52 3.55 14.47
N THR A 280 14.05 2.65 13.63
CA THR A 280 13.83 2.95 12.24
C THR A 280 12.64 3.89 12.12
N VAL A 281 11.61 3.71 12.95
CA VAL A 281 10.45 4.66 12.92
C VAL A 281 10.89 6.04 13.37
N ARG A 282 11.70 6.09 14.43
CA ARG A 282 12.31 7.38 14.84
C ARG A 282 12.92 8.11 13.70
N GLU A 283 13.72 7.39 12.95
CA GLU A 283 14.41 7.94 11.82
C GLU A 283 13.44 8.37 10.71
N ILE A 284 12.37 7.63 10.48
CA ILE A 284 11.39 8.07 9.49
C ILE A 284 10.80 9.43 9.88
N LEU A 285 10.47 9.53 11.17
CA LEU A 285 9.81 10.72 11.72
C LEU A 285 10.71 11.93 11.63
N CYS A 286 11.99 11.69 11.94
CA CYS A 286 13.03 12.74 11.87
C CYS A 286 13.32 13.20 10.46
N ARG A 287 13.28 12.31 9.48
CA ARG A 287 13.47 12.70 8.12
C ARG A 287 12.28 13.37 7.48
N GLY A 288 11.07 12.99 7.88
CA GLY A 288 9.83 13.51 7.28
C GLY A 288 9.41 14.88 7.80
N VAL A 289 8.27 15.33 7.28
CA VAL A 289 7.70 16.61 7.59
C VAL A 289 7.04 16.52 8.99
N ASP A 290 7.11 17.61 9.73
CA ASP A 290 6.43 17.72 11.02
C ASP A 290 4.97 18.03 10.75
N LEU A 291 4.11 17.03 10.89
CA LEU A 291 2.66 17.21 10.63
C LEU A 291 1.86 17.45 11.90
N ILE A 292 2.55 17.51 13.05
CA ILE A 292 1.93 17.75 14.36
C ILE A 292 1.27 19.12 14.37
N GLY A 293 -0.06 19.13 14.42
CA GLY A 293 -0.84 20.35 14.27
C GLY A 293 -1.64 20.46 12.97
N ARG A 294 -1.23 19.74 11.91
CA ARG A 294 -1.72 19.98 10.52
C ARG A 294 -2.58 18.86 9.90
P AMP B . -5.11 -3.30 -8.60
O1P AMP B . -4.08 -2.34 -8.10
O2P AMP B . -6.43 -2.59 -8.75
O3P AMP B . -4.69 -4.12 -9.82
O5' AMP B . -5.34 -4.36 -7.41
C5' AMP B . -4.31 -5.26 -7.06
C4' AMP B . -4.16 -5.19 -5.57
O4' AMP B . -5.20 -5.93 -4.88
C3' AMP B . -2.82 -5.75 -5.13
O3' AMP B . -1.98 -4.68 -4.74
C2' AMP B . -3.28 -6.55 -3.92
O2' AMP B . -2.40 -7.27 -3.05
C1' AMP B . -4.70 -6.12 -3.56
N9 AMP B . -5.42 -7.14 -2.78
C8 AMP B . -6.23 -6.87 -1.75
N7 AMP B . -6.75 -8.02 -1.25
C5 AMP B . -6.27 -9.04 -1.98
C6 AMP B . -6.41 -10.51 -1.97
N6 AMP B . -7.21 -11.15 -1.06
N1 AMP B . -5.73 -11.19 -2.92
C2 AMP B . -4.94 -10.60 -3.84
N3 AMP B . -4.76 -9.28 -3.89
C4 AMP B . -5.39 -8.46 -2.99
ZN ZN C . -4.17 -3.08 -0.66
FE FE D . 1.50 -3.53 -2.22
FE FE E . -0.03 -2.80 0.79
P PO4 F . -1.67 -4.48 -1.55
O1 PO4 F . -1.47 -5.97 -1.35
O2 PO4 F . -0.74 -4.05 -2.66
O3 PO4 F . -3.16 -4.09 -1.68
O4 PO4 F . -1.37 -3.70 -0.32
C1 EDO G . -6.09 -8.46 13.17
O1 EDO G . -5.47 -9.03 11.96
C2 EDO G . -7.62 -8.54 13.19
O2 EDO G . -8.24 -7.53 12.33
C1 EDO H . -6.38 -1.64 -4.43
O1 EDO H . -5.65 -1.48 -5.65
C2 EDO H . -7.64 -0.78 -4.45
O2 EDO H . -7.27 0.53 -4.01
#